data_2WG1
#
_entry.id   2WG1
#
_cell.length_a   111.910
_cell.length_b   111.910
_cell.length_c   137.170
_cell.angle_alpha   90.00
_cell.angle_beta   90.00
_cell.angle_gamma   120.00
#
_symmetry.space_group_name_H-M   'P 31 2 1'
#
loop_
_entity.id
_entity.type
_entity.pdbx_description
1 polymer ACETYLCHOLINESTERASE
2 branched alpha-L-fucopyranose-(1-6)-2-acetamido-2-deoxy-beta-D-glucopyranose
3 non-polymer 2-acetamido-2-deoxy-beta-D-glucopyranose
4 non-polymer 'METHYLPHOSPHONIC ACID ESTER GROUP'
5 non-polymer N-hydroxy-1-(1-methylpyridin-2(1H)-ylidene)methanamine
6 non-polymer '2-(N-MORPHOLINO)-ETHANESULFONIC ACID'
7 non-polymer 'TETRAETHYLENE GLYCOL'
8 non-polymer 'TRIETHYLENE GLYCOL'
9 non-polymer DI(HYDROXYETHYL)ETHER
10 water water
#
_entity_poly.entity_id   1
_entity_poly.type   'polypeptide(L)'
_entity_poly.pdbx_seq_one_letter_code
;DDHSELLVNTKSGKVMGTRVPVLSSHISAFLGIPFAEPPVGNMRFRRPEPKKPWSGVWNASTYPNNCQQYVDEQFPGFSG
SEMWNPNREMSEDCLYLNIWVPSPRPKSTTVMVWIYGGGFYSGSSTLDVYNGKYLAYTEEVVLVSLSYRVGAFGFLALHG
SQEAPGNVGLLDQRMALQWVHDNIQFFGGDPKTVTIFGESAGGASVGMHILSPGSRDLFRRAILQSGSPNCPWASVSVAE
GRRRAVELGRNLNCNLNSDEELIHCLREKKPQELIDVEWNVLPFDSIFRFSFVPVIDGEFFPTSLESMLNSGNFKKTQIL
LGVNKDEGSFFLLYGAPGFSKDSESKISREDFMSGVKLSVPHANDLGLDAVTLQYTDWMDDNNGIKNRDGLDDIVGDHNV
ICPLMHFVNKYTKFGNGTYLYFFNHRASNLVWPEWMGVIHGYEIEFVFGLPLVKELNYTAEEEALSRRIMHYWATFAKTG
NPNEPHSQESKWPLFTTKEQKFIDLNTEPMKVHQRLRVQMCVFWNQFLPKLLNATAC
;
_entity_poly.pdbx_strand_id   A
#
loop_
_chem_comp.id
_chem_comp.type
_chem_comp.name
_chem_comp.formula
FP1 non-polymer N-hydroxy-1-(1-methylpyridin-2(1H)-ylidene)methanamine 'C7 H10 N2 O'
FUC L-saccharide, alpha linking alpha-L-fucopyranose 'C6 H12 O5'
GB non-polymer 'METHYLPHOSPHONIC ACID ESTER GROUP' 'C H5 O3 P'
MES non-polymer '2-(N-MORPHOLINO)-ETHANESULFONIC ACID' 'C6 H13 N O4 S'
NAG D-saccharide, beta linking 2-acetamido-2-deoxy-beta-D-glucopyranose 'C8 H15 N O6'
PEG non-polymer DI(HYDROXYETHYL)ETHER 'C4 H10 O3'
PG4 non-polymer 'TETRAETHYLENE GLYCOL' 'C8 H18 O5'
PGE non-polymer 'TRIETHYLENE GLYCOL' 'C6 H14 O4'
#
# COMPACT_ATOMS: atom_id res chain seq x y z
N SER A 4 -33.85 -10.72 -6.43
CA SER A 4 -32.70 -11.64 -6.15
C SER A 4 -31.57 -10.93 -5.40
N GLU A 5 -31.03 -11.61 -4.39
CA GLU A 5 -29.92 -11.12 -3.60
C GLU A 5 -28.69 -10.77 -4.45
N LEU A 6 -28.50 -11.47 -5.56
CA LEU A 6 -27.34 -11.30 -6.41
C LEU A 6 -27.53 -10.25 -7.49
N LEU A 7 -28.67 -9.57 -7.48
CA LEU A 7 -28.91 -8.52 -8.46
C LEU A 7 -29.02 -7.15 -7.80
N VAL A 8 -28.24 -6.18 -8.30
CA VAL A 8 -28.23 -4.84 -7.72
C VAL A 8 -28.30 -3.80 -8.84
N ASN A 9 -29.30 -2.93 -8.77
CA ASN A 9 -29.36 -1.78 -9.67
CA ASN A 9 -29.40 -1.76 -9.66
C ASN A 9 -28.55 -0.66 -9.07
N THR A 10 -27.57 -0.16 -9.82
CA THR A 10 -26.75 0.94 -9.36
C THR A 10 -27.03 2.10 -10.29
N LYS A 11 -26.45 3.26 -10.01
CA LYS A 11 -26.57 4.42 -10.87
C LYS A 11 -25.87 4.24 -12.23
N SER A 12 -24.97 3.27 -12.34
CA SER A 12 -24.33 2.99 -13.62
C SER A 12 -25.00 1.86 -14.40
N GLY A 13 -25.94 1.18 -13.75
CA GLY A 13 -26.60 0.03 -14.36
C GLY A 13 -26.71 -1.14 -13.39
N LYS A 14 -27.35 -2.21 -13.87
CA LYS A 14 -27.55 -3.38 -13.04
C LYS A 14 -26.30 -4.24 -13.08
N VAL A 15 -26.02 -4.92 -11.97
CA VAL A 15 -24.89 -5.82 -11.88
C VAL A 15 -25.39 -7.13 -11.35
N MET A 16 -24.84 -8.23 -11.84
CA MET A 16 -25.17 -9.53 -11.26
C MET A 16 -23.98 -10.22 -10.60
N GLY A 17 -24.12 -10.54 -9.33
CA GLY A 17 -23.04 -11.15 -8.60
C GLY A 17 -23.11 -12.66 -8.62
N THR A 18 -22.45 -13.26 -7.63
CA THR A 18 -22.31 -14.71 -7.53
C THR A 18 -22.23 -15.08 -6.07
N ARG A 19 -22.82 -16.22 -5.71
CA ARG A 19 -22.78 -16.69 -4.32
CA ARG A 19 -22.78 -16.72 -4.34
C ARG A 19 -21.47 -17.45 -4.10
N VAL A 20 -20.71 -17.06 -3.09
CA VAL A 20 -19.43 -17.75 -2.87
C VAL A 20 -19.45 -18.40 -1.52
N PRO A 21 -18.89 -19.60 -1.44
CA PRO A 21 -18.80 -20.24 -0.12
C PRO A 21 -17.71 -19.57 0.71
N VAL A 22 -17.86 -19.62 2.04
CA VAL A 22 -16.88 -19.08 2.96
C VAL A 22 -17.11 -19.74 4.32
N LEU A 23 -16.07 -20.40 4.84
CA LEU A 23 -16.11 -21.04 6.16
C LEU A 23 -17.44 -21.76 6.48
N SER A 24 -17.87 -22.67 5.60
CA SER A 24 -19.10 -23.47 5.82
CA SER A 24 -19.10 -23.48 5.77
C SER A 24 -20.39 -22.65 5.69
N SER A 25 -20.29 -21.44 5.13
CA SER A 25 -21.44 -20.58 4.89
C SER A 25 -21.29 -19.96 3.51
N HIS A 26 -22.01 -18.86 3.24
CA HIS A 26 -21.93 -18.22 1.93
C HIS A 26 -22.14 -16.72 2.07
N ILE A 27 -21.61 -15.97 1.11
CA ILE A 27 -21.96 -14.57 0.96
C ILE A 27 -22.04 -14.24 -0.53
N SER A 28 -22.37 -13.00 -0.86
CA SER A 28 -22.43 -12.57 -2.25
C SER A 28 -21.14 -11.83 -2.60
N ALA A 29 -20.70 -12.03 -3.84
CA ALA A 29 -19.54 -11.37 -4.37
C ALA A 29 -19.92 -10.72 -5.68
N PHE A 30 -19.57 -9.45 -5.85
CA PHE A 30 -19.75 -8.76 -7.13
C PHE A 30 -18.38 -8.36 -7.62
N LEU A 31 -17.88 -9.11 -8.59
CA LEU A 31 -16.49 -9.02 -8.96
C LEU A 31 -16.34 -8.35 -10.31
N GLY A 32 -15.32 -7.51 -10.45
CA GLY A 32 -15.02 -6.90 -11.75
C GLY A 32 -16.07 -5.90 -12.22
N ILE A 33 -16.58 -5.08 -11.30
CA ILE A 33 -17.44 -3.95 -11.66
C ILE A 33 -16.57 -2.79 -12.17
N PRO A 34 -16.85 -2.29 -13.40
CA PRO A 34 -16.13 -1.15 -13.98
C PRO A 34 -16.47 0.15 -13.30
N PHE A 35 -15.47 0.98 -12.99
CA PHE A 35 -15.76 2.30 -12.40
C PHE A 35 -15.27 3.44 -13.27
N ALA A 36 -14.56 3.10 -14.34
CA ALA A 36 -14.03 4.09 -15.26
C ALA A 36 -14.08 3.55 -16.67
N GLU A 37 -14.02 4.44 -17.65
CA GLU A 37 -13.81 4.02 -19.03
C GLU A 37 -12.41 3.36 -19.15
N PRO A 38 -12.27 2.24 -19.91
CA PRO A 38 -10.94 1.67 -20.13
C PRO A 38 -9.93 2.77 -20.52
N PRO A 39 -8.81 2.89 -19.78
CA PRO A 39 -7.87 4.00 -20.06
C PRO A 39 -6.87 3.66 -21.21
N VAL A 40 -7.43 3.32 -22.36
CA VAL A 40 -6.67 2.72 -23.45
C VAL A 40 -6.52 3.67 -24.62
N GLY A 41 -5.51 3.43 -25.44
CA GLY A 41 -5.28 4.18 -26.66
C GLY A 41 -4.82 5.57 -26.33
N ASN A 42 -5.51 6.55 -26.94
CA ASN A 42 -5.20 7.96 -26.73
CA ASN A 42 -5.23 7.96 -26.73
C ASN A 42 -5.49 8.41 -25.29
N MET A 43 -6.08 7.52 -24.49
CA MET A 43 -6.34 7.80 -23.05
C MET A 43 -5.22 7.29 -22.10
N ARG A 44 -4.24 6.55 -22.63
CA ARG A 44 -3.07 6.13 -21.86
C ARG A 44 -2.42 7.39 -21.28
N PHE A 45 -2.13 7.35 -19.98
CA PHE A 45 -1.57 8.48 -19.21
C PHE A 45 -2.58 9.56 -18.81
N ARG A 46 -3.79 9.54 -19.39
CA ARG A 46 -4.84 10.53 -19.08
CA ARG A 46 -4.81 10.56 -19.05
C ARG A 46 -5.53 10.28 -17.73
N ARG A 47 -6.00 11.38 -17.12
CA ARG A 47 -6.93 11.26 -16.01
CA ARG A 47 -7.05 11.37 -16.07
C ARG A 47 -8.05 10.29 -16.41
N PRO A 48 -8.53 9.50 -15.43
CA PRO A 48 -9.59 8.58 -15.85
C PRO A 48 -10.93 9.32 -16.10
N GLU A 49 -11.81 8.69 -16.89
CA GLU A 49 -13.16 9.22 -17.09
CA GLU A 49 -13.18 9.17 -17.19
C GLU A 49 -14.18 8.25 -16.49
N PRO A 50 -15.29 8.78 -15.94
CA PRO A 50 -16.25 7.88 -15.31
C PRO A 50 -16.80 6.89 -16.33
N LYS A 51 -17.15 5.69 -15.87
CA LYS A 51 -17.69 4.69 -16.78
C LYS A 51 -19.09 5.12 -17.27
N LYS A 52 -19.31 5.10 -18.59
CA LYS A 52 -20.61 5.42 -19.14
CA LYS A 52 -20.61 5.40 -19.19
C LYS A 52 -21.61 4.34 -18.72
N PRO A 53 -22.79 4.78 -18.21
CA PRO A 53 -23.73 3.74 -17.76
C PRO A 53 -24.07 2.74 -18.89
N TRP A 54 -24.36 1.50 -18.50
CA TRP A 54 -24.65 0.44 -19.48
C TRP A 54 -26.11 0.01 -19.37
N SER A 55 -26.70 -0.40 -20.50
CA SER A 55 -28.00 -1.09 -20.48
C SER A 55 -27.79 -2.56 -20.12
N GLY A 56 -28.84 -3.21 -19.62
CA GLY A 56 -28.74 -4.63 -19.37
C GLY A 56 -28.00 -4.94 -18.08
N VAL A 57 -27.51 -6.17 -17.97
CA VAL A 57 -27.00 -6.67 -16.71
C VAL A 57 -25.49 -6.95 -16.84
N TRP A 58 -24.68 -6.23 -16.05
CA TRP A 58 -23.24 -6.50 -16.02
C TRP A 58 -23.03 -7.81 -15.25
N ASN A 59 -22.35 -8.75 -15.90
CA ASN A 59 -21.96 -10.01 -15.27
C ASN A 59 -20.79 -9.72 -14.34
N ALA A 60 -21.04 -9.84 -13.04
CA ALA A 60 -20.02 -9.53 -12.02
C ALA A 60 -19.70 -10.81 -11.24
N SER A 61 -19.56 -11.90 -11.99
CA SER A 61 -19.34 -13.21 -11.40
C SER A 61 -17.86 -13.59 -11.35
N THR A 62 -17.02 -12.92 -12.15
CA THR A 62 -15.59 -13.30 -12.22
C THR A 62 -14.61 -12.12 -12.03
N TYR A 63 -13.47 -12.41 -11.40
CA TYR A 63 -12.42 -11.40 -11.22
C TYR A 63 -12.05 -10.72 -12.53
N PRO A 64 -11.71 -9.43 -12.48
CA PRO A 64 -11.34 -8.68 -13.68
C PRO A 64 -9.85 -8.90 -14.10
N ASN A 65 -9.43 -8.38 -15.27
CA ASN A 65 -8.02 -8.25 -15.62
C ASN A 65 -7.23 -7.45 -14.54
N ASN A 66 -5.93 -7.71 -14.43
CA ASN A 66 -5.04 -6.86 -13.61
C ASN A 66 -4.38 -5.85 -14.53
N CYS A 67 -3.94 -4.73 -13.96
CA CYS A 67 -3.26 -3.71 -14.74
C CYS A 67 -1.89 -4.19 -15.21
N GLN A 68 -1.43 -3.64 -16.34
CA GLN A 68 -0.13 -3.98 -16.87
C GLN A 68 0.97 -3.59 -15.86
N GLN A 69 1.86 -4.53 -15.58
CA GLN A 69 2.92 -4.34 -14.60
C GLN A 69 4.11 -5.30 -14.82
N TYR A 70 5.27 -4.84 -14.38
CA TYR A 70 6.41 -5.70 -14.12
C TYR A 70 5.98 -6.93 -13.33
N VAL A 71 6.43 -8.11 -13.76
CA VAL A 71 6.11 -9.38 -13.11
C VAL A 71 7.39 -9.95 -12.49
N ASP A 72 7.34 -10.27 -11.20
CA ASP A 72 8.50 -10.78 -10.47
C ASP A 72 8.81 -12.22 -10.90
N GLU A 73 9.95 -12.43 -11.54
CA GLU A 73 10.41 -13.75 -11.99
CA GLU A 73 10.37 -13.79 -11.91
C GLU A 73 11.73 -14.16 -11.29
N GLN A 74 12.01 -13.55 -10.13
CA GLN A 74 13.28 -13.76 -9.45
CA GLN A 74 13.29 -13.75 -9.44
C GLN A 74 13.37 -15.17 -8.88
N PHE A 75 12.23 -15.76 -8.52
CA PHE A 75 12.15 -17.13 -8.00
C PHE A 75 11.00 -17.95 -8.64
N PRO A 76 11.17 -18.38 -9.91
CA PRO A 76 10.07 -19.04 -10.61
C PRO A 76 9.62 -20.29 -9.86
N GLY A 77 8.30 -20.50 -9.81
CA GLY A 77 7.74 -21.59 -9.03
C GLY A 77 7.66 -21.40 -7.51
N PHE A 78 8.22 -20.32 -6.98
CA PHE A 78 8.27 -20.13 -5.56
C PHE A 78 7.05 -19.30 -5.15
N SER A 79 6.26 -19.82 -4.22
CA SER A 79 4.99 -19.17 -3.90
C SER A 79 5.18 -17.87 -3.10
N GLY A 80 6.29 -17.79 -2.39
CA GLY A 80 6.62 -16.63 -1.58
C GLY A 80 6.51 -15.38 -2.41
N SER A 81 7.07 -15.42 -3.62
CA SER A 81 7.10 -14.25 -4.48
C SER A 81 5.93 -14.26 -5.47
N GLU A 82 5.55 -15.46 -5.93
CA GLU A 82 4.51 -15.55 -6.96
C GLU A 82 3.10 -15.21 -6.45
N MET A 83 2.87 -15.31 -5.14
CA MET A 83 1.57 -14.94 -4.55
C MET A 83 1.23 -13.45 -4.72
N TRP A 84 2.23 -12.63 -5.12
CA TRP A 84 2.09 -11.19 -5.27
C TRP A 84 1.89 -10.82 -6.74
N ASN A 85 2.28 -11.71 -7.63
CA ASN A 85 2.19 -11.49 -9.07
C ASN A 85 0.74 -11.53 -9.56
N PRO A 86 0.43 -10.84 -10.66
CA PRO A 86 -0.91 -10.92 -11.23
C PRO A 86 -1.33 -12.38 -11.45
N ASN A 87 -2.53 -12.74 -10.97
CA ASN A 87 -3.10 -14.07 -11.17
C ASN A 87 -4.24 -14.02 -12.22
N ARG A 88 -4.35 -12.90 -12.91
CA ARG A 88 -5.29 -12.82 -14.03
CA ARG A 88 -5.31 -12.73 -14.01
C ARG A 88 -4.54 -12.24 -15.22
N GLU A 89 -5.14 -12.32 -16.38
CA GLU A 89 -4.52 -11.75 -17.55
CA GLU A 89 -4.59 -11.72 -17.58
C GLU A 89 -4.31 -10.24 -17.31
N MET A 90 -3.16 -9.73 -17.73
CA MET A 90 -2.90 -8.29 -17.64
C MET A 90 -3.50 -7.56 -18.83
N SER A 91 -4.05 -6.38 -18.58
CA SER A 91 -4.57 -5.53 -19.63
C SER A 91 -4.54 -4.10 -19.17
N GLU A 92 -4.44 -3.17 -20.12
CA GLU A 92 -4.65 -1.75 -19.78
C GLU A 92 -6.12 -1.47 -19.40
N ASP A 93 -7.00 -2.38 -19.81
CA ASP A 93 -8.40 -2.33 -19.46
C ASP A 93 -8.52 -2.99 -18.11
N CYS A 94 -8.30 -2.24 -17.04
CA CYS A 94 -8.13 -2.86 -15.73
C CYS A 94 -8.81 -2.10 -14.61
N LEU A 95 -9.60 -1.08 -14.97
CA LEU A 95 -10.21 -0.25 -13.92
C LEU A 95 -11.54 -0.80 -13.41
N TYR A 96 -11.42 -1.76 -12.50
CA TYR A 96 -12.56 -2.48 -11.92
C TYR A 96 -12.48 -2.55 -10.39
N LEU A 97 -13.60 -2.81 -9.74
CA LEU A 97 -13.64 -3.05 -8.30
C LEU A 97 -14.47 -4.30 -7.98
N ASN A 98 -14.27 -4.82 -6.77
CA ASN A 98 -14.82 -6.05 -6.29
C ASN A 98 -15.53 -5.78 -4.96
N ILE A 99 -16.72 -6.35 -4.78
CA ILE A 99 -17.46 -6.14 -3.53
C ILE A 99 -17.92 -7.46 -2.93
N TRP A 100 -17.60 -7.69 -1.66
CA TRP A 100 -18.12 -8.85 -0.94
C TRP A 100 -19.19 -8.36 0.01
N VAL A 101 -20.38 -8.96 -0.08
CA VAL A 101 -21.54 -8.47 0.65
C VAL A 101 -22.07 -9.59 1.53
N PRO A 102 -22.21 -9.32 2.85
CA PRO A 102 -22.83 -10.32 3.72
C PRO A 102 -24.19 -10.80 3.18
N SER A 103 -24.59 -11.99 3.60
CA SER A 103 -25.84 -12.62 3.17
C SER A 103 -26.56 -13.08 4.40
N PRO A 104 -27.78 -12.56 4.65
CA PRO A 104 -28.56 -11.69 3.75
C PRO A 104 -28.00 -10.26 3.59
N ARG A 105 -28.30 -9.63 2.45
CA ARG A 105 -27.82 -8.26 2.15
C ARG A 105 -28.12 -7.33 3.31
N PRO A 106 -27.09 -6.63 3.82
CA PRO A 106 -27.35 -5.70 4.94
C PRO A 106 -28.07 -4.46 4.43
N LYS A 107 -28.49 -3.60 5.35
CA LYS A 107 -29.21 -2.39 4.96
C LYS A 107 -28.30 -1.17 4.91
N SER A 108 -27.47 -0.99 5.93
CA SER A 108 -26.60 0.17 5.98
C SER A 108 -25.40 -0.13 6.87
N THR A 109 -24.53 -1.00 6.37
CA THR A 109 -23.43 -1.44 7.19
C THR A 109 -22.06 -0.77 6.85
N THR A 110 -21.16 -0.86 7.81
CA THR A 110 -19.79 -0.38 7.65
C THR A 110 -19.14 -0.94 6.40
N VAL A 111 -18.50 -0.04 5.66
CA VAL A 111 -17.76 -0.36 4.43
C VAL A 111 -16.25 -0.22 4.64
N MET A 112 -15.49 -1.16 4.08
CA MET A 112 -14.03 -1.09 4.08
C MET A 112 -13.57 -1.25 2.66
N VAL A 113 -12.73 -0.32 2.23
CA VAL A 113 -12.21 -0.31 0.89
C VAL A 113 -10.69 -0.51 0.90
N TRP A 114 -10.25 -1.61 0.29
CA TRP A 114 -8.84 -1.99 0.23
C TRP A 114 -8.13 -1.40 -0.97
N ILE A 115 -6.98 -0.78 -0.71
CA ILE A 115 -6.16 -0.29 -1.78
C ILE A 115 -4.82 -1.05 -1.78
N TYR A 116 -4.54 -1.82 -2.83
CA TYR A 116 -3.33 -2.68 -2.81
C TYR A 116 -2.02 -1.90 -2.88
N GLY A 117 -0.96 -2.47 -2.29
CA GLY A 117 0.40 -1.93 -2.51
C GLY A 117 1.11 -2.60 -3.67
N GLY A 118 2.43 -2.44 -3.72
CA GLY A 118 3.23 -2.92 -4.84
C GLY A 118 4.17 -1.83 -5.38
N GLY A 119 4.56 -0.86 -4.54
CA GLY A 119 5.53 0.18 -4.95
C GLY A 119 5.07 1.15 -6.02
N PHE A 120 3.75 1.20 -6.26
CA PHE A 120 3.17 1.98 -7.38
C PHE A 120 3.58 1.45 -8.77
N TYR A 121 4.35 0.34 -8.82
CA TYR A 121 4.75 -0.24 -10.10
C TYR A 121 4.07 -1.58 -10.38
N SER A 122 3.35 -2.09 -9.39
CA SER A 122 2.69 -3.37 -9.49
C SER A 122 1.57 -3.47 -8.49
N GLY A 123 0.86 -4.59 -8.53
CA GLY A 123 -0.18 -4.92 -7.55
C GLY A 123 -1.47 -5.30 -8.26
N SER A 124 -2.32 -6.07 -7.57
CA SER A 124 -3.54 -6.63 -8.14
C SER A 124 -4.61 -6.69 -7.07
N SER A 125 -5.87 -6.49 -7.46
CA SER A 125 -6.91 -6.53 -6.44
C SER A 125 -7.36 -7.99 -6.18
N THR A 126 -6.83 -8.91 -6.99
CA THR A 126 -7.41 -10.24 -7.18
C THR A 126 -6.59 -11.33 -6.51
N LEU A 127 -5.53 -10.93 -5.80
CA LEU A 127 -4.66 -11.86 -5.09
C LEU A 127 -5.42 -12.70 -4.07
N ASP A 128 -4.96 -13.94 -3.90
CA ASP A 128 -5.55 -14.83 -2.88
C ASP A 128 -5.60 -14.18 -1.54
N VAL A 129 -4.55 -13.42 -1.24
CA VAL A 129 -4.34 -12.86 0.08
C VAL A 129 -5.22 -11.61 0.32
N TYR A 130 -5.82 -11.08 -0.75
CA TYR A 130 -6.77 -9.94 -0.68
C TYR A 130 -8.26 -10.36 -0.79
N ASN A 131 -8.54 -11.67 -0.66
CA ASN A 131 -9.92 -12.18 -0.83
C ASN A 131 -10.76 -11.66 0.32
N GLY A 132 -11.72 -10.80 -0.02
CA GLY A 132 -12.51 -10.10 1.00
C GLY A 132 -13.56 -10.92 1.74
N LYS A 133 -13.77 -12.17 1.35
CA LYS A 133 -14.94 -12.91 1.87
C LYS A 133 -14.84 -13.18 3.36
N TYR A 134 -13.65 -13.50 3.85
CA TYR A 134 -13.48 -13.85 5.27
C TYR A 134 -13.80 -12.68 6.17
N LEU A 135 -13.35 -11.49 5.77
CA LEU A 135 -13.59 -10.30 6.58
C LEU A 135 -15.05 -9.84 6.44
N ALA A 136 -15.56 -9.86 5.22
CA ALA A 136 -16.93 -9.48 4.98
C ALA A 136 -17.87 -10.38 5.80
N TYR A 137 -17.65 -11.70 5.67
CA TYR A 137 -18.42 -12.68 6.39
C TYR A 137 -18.24 -12.56 7.92
N THR A 138 -17.00 -12.53 8.38
CA THR A 138 -16.74 -12.64 9.83
C THR A 138 -17.20 -11.39 10.56
N GLU A 139 -16.87 -10.21 10.03
CA GLU A 139 -17.17 -8.95 10.75
C GLU A 139 -18.42 -8.23 10.25
N GLU A 140 -19.09 -8.80 9.25
CA GLU A 140 -20.33 -8.26 8.70
CA GLU A 140 -20.34 -8.24 8.73
C GLU A 140 -20.11 -6.85 8.13
N VAL A 141 -19.09 -6.71 7.30
CA VAL A 141 -18.84 -5.44 6.65
C VAL A 141 -19.04 -5.67 5.17
N VAL A 142 -19.27 -4.60 4.41
CA VAL A 142 -19.19 -4.64 2.96
C VAL A 142 -17.74 -4.32 2.56
N LEU A 143 -17.07 -5.27 1.92
CA LEU A 143 -15.62 -5.18 1.63
C LEU A 143 -15.42 -4.91 0.17
N VAL A 144 -14.81 -3.76 -0.13
CA VAL A 144 -14.53 -3.39 -1.51
C VAL A 144 -13.01 -3.44 -1.70
N SER A 145 -12.57 -3.99 -2.84
CA SER A 145 -11.20 -3.76 -3.25
C SER A 145 -11.24 -3.06 -4.60
N LEU A 146 -10.52 -1.97 -4.71
CA LEU A 146 -10.44 -1.25 -5.98
C LEU A 146 -9.16 -1.60 -6.76
N SER A 147 -9.00 -1.02 -7.94
CA SER A 147 -7.75 -1.14 -8.63
C SER A 147 -7.37 0.24 -9.16
N TYR A 148 -6.13 0.34 -9.67
CA TYR A 148 -5.61 1.58 -10.17
C TYR A 148 -4.39 1.29 -11.05
N ARG A 149 -4.14 2.20 -11.98
CA ARG A 149 -3.01 2.06 -12.89
C ARG A 149 -1.70 2.21 -12.15
N VAL A 150 -0.77 1.31 -12.46
CA VAL A 150 0.57 1.38 -11.89
C VAL A 150 1.66 1.59 -12.97
N GLY A 151 2.91 1.83 -12.54
CA GLY A 151 4.01 2.01 -13.49
C GLY A 151 3.82 3.29 -14.28
N ALA A 152 4.42 3.36 -15.46
CA ALA A 152 4.31 4.57 -16.28
C ALA A 152 2.84 4.87 -16.60
N PHE A 153 2.06 3.80 -16.82
CA PHE A 153 0.61 3.90 -17.05
C PHE A 153 -0.15 4.70 -16.00
N GLY A 154 0.29 4.63 -14.74
CA GLY A 154 -0.42 5.30 -13.68
C GLY A 154 0.24 6.59 -13.26
N PHE A 155 1.54 6.74 -13.56
CA PHE A 155 2.32 7.75 -12.87
C PHE A 155 3.35 8.50 -13.70
N LEU A 156 3.44 8.18 -14.98
CA LEU A 156 4.24 9.01 -15.87
C LEU A 156 3.80 10.46 -15.69
N ALA A 157 4.76 11.33 -15.41
CA ALA A 157 4.43 12.71 -15.07
C ALA A 157 5.17 13.74 -15.92
N LEU A 158 4.44 14.39 -16.82
CA LEU A 158 4.99 15.56 -17.54
C LEU A 158 4.21 16.82 -17.16
N HIS A 159 4.56 17.38 -16.02
CA HIS A 159 3.79 18.50 -15.45
C HIS A 159 3.68 19.67 -16.41
N GLY A 160 2.46 20.18 -16.56
CA GLY A 160 2.16 21.24 -17.52
C GLY A 160 1.38 20.70 -18.71
N SER A 161 1.56 19.40 -18.97
CA SER A 161 0.84 18.72 -20.00
C SER A 161 -0.46 18.21 -19.41
N GLN A 162 -1.51 18.17 -20.24
CA GLN A 162 -2.78 17.65 -19.75
C GLN A 162 -3.02 16.23 -20.25
N GLU A 163 -2.15 15.77 -21.15
CA GLU A 163 -2.23 14.40 -21.68
C GLU A 163 -1.53 13.36 -20.77
N ALA A 164 -0.54 13.81 -20.00
CA ALA A 164 0.15 12.99 -18.99
C ALA A 164 0.58 13.85 -17.78
N PRO A 165 -0.38 14.24 -16.92
CA PRO A 165 -0.05 15.21 -15.86
C PRO A 165 0.61 14.59 -14.62
N GLY A 166 0.60 13.26 -14.55
CA GLY A 166 1.00 12.56 -13.33
C GLY A 166 -0.20 12.24 -12.44
N ASN A 167 0.06 11.45 -11.42
CA ASN A 167 -0.93 11.10 -10.39
C ASN A 167 -2.19 10.43 -10.91
N VAL A 168 -2.23 10.03 -12.17
CA VAL A 168 -3.49 9.49 -12.71
C VAL A 168 -3.92 8.21 -12.02
N GLY A 169 -2.96 7.38 -11.57
CA GLY A 169 -3.29 6.22 -10.74
C GLY A 169 -3.97 6.58 -9.42
N LEU A 170 -3.58 7.69 -8.80
CA LEU A 170 -4.28 8.16 -7.59
C LEU A 170 -5.70 8.62 -7.91
N LEU A 171 -5.86 9.28 -9.05
CA LEU A 171 -7.19 9.68 -9.51
C LEU A 171 -8.09 8.47 -9.84
N ASP A 172 -7.49 7.38 -10.36
CA ASP A 172 -8.20 6.08 -10.50
C ASP A 172 -8.76 5.69 -9.15
N GLN A 173 -7.90 5.70 -8.13
CA GLN A 173 -8.34 5.31 -6.78
C GLN A 173 -9.49 6.22 -6.35
N ARG A 174 -9.37 7.51 -6.64
CA ARG A 174 -10.36 8.49 -6.23
C ARG A 174 -11.70 8.22 -6.92
N MET A 175 -11.64 7.87 -8.22
CA MET A 175 -12.85 7.57 -8.98
C MET A 175 -13.63 6.36 -8.42
N ALA A 176 -12.90 5.31 -8.04
CA ALA A 176 -13.48 4.16 -7.37
C ALA A 176 -14.06 4.55 -6.00
N LEU A 177 -13.38 5.45 -5.29
CA LEU A 177 -13.96 5.93 -4.01
C LEU A 177 -15.25 6.73 -4.24
N GLN A 178 -15.29 7.48 -5.34
CA GLN A 178 -16.46 8.25 -5.74
C GLN A 178 -17.59 7.30 -6.07
N TRP A 179 -17.26 6.23 -6.81
CA TRP A 179 -18.25 5.24 -7.18
C TRP A 179 -18.85 4.55 -5.95
N VAL A 180 -18.00 4.20 -4.99
CA VAL A 180 -18.44 3.64 -3.71
C VAL A 180 -19.36 4.62 -2.94
N HIS A 181 -18.92 5.88 -2.86
N HIS A 181 -18.95 5.89 -2.86
CA HIS A 181 -19.70 6.98 -2.28
CA HIS A 181 -19.75 6.89 -2.18
C HIS A 181 -21.11 6.99 -2.84
C HIS A 181 -21.15 7.02 -2.83
N ASP A 182 -21.19 7.07 -4.16
CA ASP A 182 -22.41 7.14 -4.92
C ASP A 182 -23.30 5.90 -4.92
N ASN A 183 -22.69 4.70 -4.89
CA ASN A 183 -23.43 3.46 -5.17
C ASN A 183 -23.44 2.37 -4.10
N ILE A 184 -22.57 2.46 -3.09
CA ILE A 184 -22.46 1.35 -2.14
C ILE A 184 -23.77 1.11 -1.36
N GLN A 185 -24.62 2.14 -1.27
CA GLN A 185 -25.90 2.04 -0.54
C GLN A 185 -26.76 0.90 -1.13
N PHE A 186 -26.66 0.71 -2.43
CA PHE A 186 -27.43 -0.32 -3.13
C PHE A 186 -26.96 -1.73 -2.82
N PHE A 187 -25.76 -1.85 -2.24
CA PHE A 187 -25.22 -3.16 -1.84
C PHE A 187 -25.38 -3.34 -0.34
N GLY A 188 -26.03 -2.38 0.29
CA GLY A 188 -26.22 -2.46 1.73
C GLY A 188 -25.14 -1.79 2.54
N GLY A 189 -24.23 -1.09 1.86
CA GLY A 189 -23.20 -0.31 2.53
C GLY A 189 -23.66 1.08 2.90
N ASP A 190 -23.13 1.58 4.00
CA ASP A 190 -23.39 2.92 4.45
C ASP A 190 -22.30 3.83 3.85
N PRO A 191 -22.64 4.70 2.87
CA PRO A 191 -21.58 5.52 2.29
C PRO A 191 -20.98 6.55 3.25
N LYS A 192 -21.58 6.76 4.41
CA LYS A 192 -21.03 7.72 5.36
C LYS A 192 -20.11 7.07 6.38
N THR A 193 -19.93 5.76 6.23
CA THR A 193 -19.01 5.04 7.10
C THR A 193 -18.07 4.14 6.28
N VAL A 194 -17.36 4.77 5.35
CA VAL A 194 -16.35 4.07 4.54
C VAL A 194 -14.97 4.26 5.19
N THR A 195 -14.29 3.16 5.51
CA THR A 195 -12.88 3.19 5.87
C THR A 195 -12.01 2.81 4.67
N ILE A 196 -11.07 3.69 4.30
CA ILE A 196 -10.07 3.25 3.32
C ILE A 196 -8.89 2.61 4.05
N PHE A 197 -8.41 1.48 3.54
CA PHE A 197 -7.24 0.84 4.12
C PHE A 197 -6.35 0.23 3.05
N GLY A 198 -5.05 0.17 3.31
CA GLY A 198 -4.10 -0.30 2.32
C GLY A 198 -2.73 -0.57 2.93
N GLU A 199 -1.91 -1.35 2.22
CA GLU A 199 -0.59 -1.69 2.72
C GLU A 199 0.50 -1.16 1.78
N SER A 200 1.58 -0.66 2.39
CA SER A 200 2.77 -0.24 1.66
C SER A 200 2.36 0.90 0.70
N ALA A 201 2.58 0.77 -0.62
CA ALA A 201 2.08 1.85 -1.54
C ALA A 201 0.58 2.15 -1.36
N GLY A 202 -0.19 1.16 -0.92
CA GLY A 202 -1.61 1.32 -0.61
C GLY A 202 -1.80 2.12 0.66
N GLY A 203 -0.90 1.95 1.65
CA GLY A 203 -0.94 2.80 2.86
C GLY A 203 -0.50 4.24 2.58
N ALA A 204 0.57 4.43 1.80
CA ALA A 204 0.94 5.77 1.32
C ALA A 204 -0.27 6.40 0.58
N SER A 205 -0.89 5.63 -0.31
CA SER A 205 -2.10 6.06 -1.00
C SER A 205 -3.19 6.58 -0.02
N VAL A 206 -3.53 5.76 0.97
CA VAL A 206 -4.50 6.17 1.99
C VAL A 206 -4.12 7.54 2.59
N GLY A 207 -2.88 7.68 3.03
CA GLY A 207 -2.43 8.97 3.54
C GLY A 207 -2.51 10.09 2.51
N MET A 208 -2.30 9.76 1.24
CA MET A 208 -2.40 10.78 0.21
C MET A 208 -3.84 11.29 0.01
N HIS A 209 -4.82 10.41 0.16
CA HIS A 209 -6.25 10.82 0.11
C HIS A 209 -6.65 11.61 1.36
N ILE A 210 -6.03 11.30 2.50
CA ILE A 210 -6.19 12.14 3.71
C ILE A 210 -5.70 13.55 3.44
N LEU A 211 -4.61 13.67 2.69
N LEU A 211 -4.60 13.67 2.70
CA LEU A 211 -4.01 14.98 2.41
CA LEU A 211 -3.99 14.96 2.39
C LEU A 211 -4.73 15.73 1.29
C LEU A 211 -4.73 15.72 1.30
N SER A 212 -5.06 15.04 0.20
CA SER A 212 -5.58 15.71 -0.98
C SER A 212 -7.01 16.26 -0.82
N PRO A 213 -7.15 17.60 -0.91
CA PRO A 213 -8.51 18.23 -0.78
C PRO A 213 -9.58 17.53 -1.62
N GLY A 214 -9.25 17.11 -2.84
CA GLY A 214 -10.26 16.48 -3.71
C GLY A 214 -10.68 15.07 -3.36
N SER A 215 -10.06 14.47 -2.33
CA SER A 215 -10.37 13.10 -1.91
C SER A 215 -11.04 13.00 -0.55
N ARG A 216 -10.80 14.00 0.30
CA ARG A 216 -11.16 13.95 1.72
C ARG A 216 -12.62 13.61 2.01
N ASP A 217 -13.52 14.12 1.18
CA ASP A 217 -14.94 14.06 1.52
C ASP A 217 -15.46 12.67 1.18
N LEU A 218 -14.66 11.86 0.46
CA LEU A 218 -15.14 10.58 -0.06
C LEU A 218 -15.03 9.37 0.90
N PHE A 219 -14.55 9.59 2.13
CA PHE A 219 -14.42 8.46 3.05
C PHE A 219 -14.45 9.03 4.45
N ARG A 220 -14.62 8.17 5.44
CA ARG A 220 -14.83 8.59 6.82
CA ARG A 220 -14.81 8.64 6.81
C ARG A 220 -13.54 8.50 7.65
N ARG A 221 -12.85 7.39 7.50
CA ARG A 221 -11.66 7.16 8.31
C ARG A 221 -10.69 6.22 7.59
N ALA A 222 -9.55 5.93 8.21
CA ALA A 222 -8.42 5.41 7.46
C ALA A 222 -7.47 4.52 8.26
N ILE A 223 -7.00 3.48 7.59
CA ILE A 223 -6.01 2.55 8.14
C ILE A 223 -4.79 2.46 7.19
N LEU A 224 -3.59 2.63 7.73
CA LEU A 224 -2.37 2.60 6.91
C LEU A 224 -1.44 1.48 7.44
N GLN A 225 -1.15 0.50 6.59
CA GLN A 225 -0.31 -0.64 7.01
C GLN A 225 1.06 -0.50 6.32
N SER A 226 2.11 -0.31 7.10
CA SER A 226 3.48 -0.32 6.55
C SER A 226 3.66 0.69 5.41
N GLY A 227 3.07 1.86 5.54
CA GLY A 227 3.15 2.84 4.44
C GLY A 227 2.61 4.15 4.93
N SER A 228 3.17 5.23 4.39
CA SER A 228 2.88 6.57 4.83
CA SER A 228 2.76 6.56 4.79
C SER A 228 3.05 7.54 3.64
N PRO A 229 2.26 8.61 3.56
CA PRO A 229 2.35 9.41 2.31
C PRO A 229 3.71 10.10 2.11
N ASN A 230 4.41 10.37 3.22
CA ASN A 230 5.71 11.03 3.21
C ASN A 230 6.90 10.06 3.03
N CYS A 231 6.64 8.77 2.78
CA CYS A 231 7.75 7.84 2.53
C CYS A 231 8.72 8.36 1.43
N PRO A 232 10.04 8.12 1.59
CA PRO A 232 11.00 8.70 0.62
C PRO A 232 10.84 8.11 -0.80
N TRP A 233 10.23 6.93 -0.89
CA TRP A 233 10.00 6.26 -2.18
C TRP A 233 8.63 6.58 -2.81
N ALA A 234 7.74 7.26 -2.07
CA ALA A 234 6.33 7.37 -2.49
C ALA A 234 5.97 8.56 -3.35
N SER A 235 6.88 9.51 -3.54
CA SER A 235 6.60 10.64 -4.40
C SER A 235 7.91 11.21 -4.90
N VAL A 236 7.84 11.97 -5.98
CA VAL A 236 8.97 12.68 -6.55
C VAL A 236 8.53 14.11 -6.86
N SER A 237 9.51 14.98 -7.07
CA SER A 237 9.20 16.32 -7.52
C SER A 237 8.75 16.28 -8.97
N VAL A 238 8.12 17.36 -9.38
CA VAL A 238 7.70 17.57 -10.75
C VAL A 238 8.87 17.55 -11.74
N ALA A 239 10.00 18.16 -11.36
CA ALA A 239 11.24 18.07 -12.15
C ALA A 239 11.78 16.64 -12.28
N GLU A 240 11.76 15.87 -11.19
CA GLU A 240 12.26 14.45 -11.25
C GLU A 240 11.33 13.55 -12.04
N GLY A 241 10.03 13.76 -11.89
CA GLY A 241 9.04 13.03 -12.71
C GLY A 241 9.21 13.29 -14.20
N ARG A 242 9.37 14.56 -14.56
CA ARG A 242 9.69 14.96 -15.93
C ARG A 242 10.97 14.27 -16.43
N ARG A 243 12.05 14.39 -15.67
CA ARG A 243 13.31 13.75 -16.07
C ARG A 243 13.15 12.24 -16.34
N ARG A 244 12.40 11.54 -15.49
CA ARG A 244 12.20 10.11 -15.70
C ARG A 244 11.33 9.79 -16.90
N ALA A 245 10.33 10.64 -17.18
CA ALA A 245 9.50 10.46 -18.38
C ALA A 245 10.33 10.64 -19.66
N VAL A 246 11.17 11.67 -19.69
CA VAL A 246 12.08 11.93 -20.82
C VAL A 246 13.06 10.74 -20.98
N GLU A 247 13.66 10.30 -19.88
CA GLU A 247 14.54 9.13 -19.89
C GLU A 247 13.86 7.84 -20.36
N LEU A 248 12.59 7.65 -20.01
CA LEU A 248 11.83 6.51 -20.54
C LEU A 248 11.72 6.62 -22.06
N GLY A 249 11.33 7.81 -22.53
CA GLY A 249 11.35 8.11 -23.97
C GLY A 249 12.70 7.84 -24.62
N ARG A 250 13.77 8.33 -24.01
CA ARG A 250 15.13 8.03 -24.49
C ARG A 250 15.40 6.51 -24.66
N ASN A 251 14.95 5.69 -23.70
CA ASN A 251 15.10 4.23 -23.78
C ASN A 251 14.33 3.56 -24.93
N LEU A 252 13.31 4.24 -25.44
CA LEU A 252 12.47 3.67 -26.46
C LEU A 252 12.66 4.38 -27.81
N ASN A 253 13.74 5.15 -27.91
CA ASN A 253 14.09 5.90 -29.12
C ASN A 253 12.97 6.84 -29.54
N CYS A 254 12.40 7.56 -28.57
CA CYS A 254 11.32 8.50 -28.90
C CYS A 254 11.89 9.83 -29.35
N ASN A 255 11.11 10.51 -30.18
CA ASN A 255 11.36 11.91 -30.47
C ASN A 255 11.17 12.66 -29.17
N LEU A 256 12.19 13.40 -28.73
CA LEU A 256 12.10 14.13 -27.47
C LEU A 256 11.92 15.63 -27.60
N ASN A 257 11.50 16.13 -28.77
CA ASN A 257 11.45 17.59 -28.96
C ASN A 257 10.33 18.32 -28.20
N SER A 258 9.26 17.60 -27.87
CA SER A 258 8.17 18.16 -27.07
C SER A 258 7.42 17.10 -26.27
N ASP A 259 6.69 17.55 -25.24
CA ASP A 259 5.82 16.67 -24.48
C ASP A 259 4.91 15.93 -25.44
N GLU A 260 4.32 16.68 -26.37
CA GLU A 260 3.41 16.10 -27.35
CA GLU A 260 3.40 16.09 -27.37
C GLU A 260 4.09 15.03 -28.22
N GLU A 261 5.31 15.31 -28.68
CA GLU A 261 6.08 14.29 -29.42
C GLU A 261 6.38 13.06 -28.53
N LEU A 262 6.84 13.32 -27.29
CA LEU A 262 7.16 12.24 -26.33
C LEU A 262 5.95 11.38 -26.01
N ILE A 263 4.85 12.03 -25.63
CA ILE A 263 3.64 11.32 -25.22
C ILE A 263 3.08 10.49 -26.39
N HIS A 264 3.07 11.07 -27.58
CA HIS A 264 2.62 10.37 -28.78
C HIS A 264 3.41 9.11 -29.03
N CYS A 265 4.74 9.21 -28.92
CA CYS A 265 5.60 8.03 -29.06
C CYS A 265 5.30 6.96 -27.98
N LEU A 266 5.19 7.39 -26.73
CA LEU A 266 4.95 6.46 -25.61
C LEU A 266 3.60 5.78 -25.77
N ARG A 267 2.66 6.48 -26.40
CA ARG A 267 1.33 5.92 -26.61
C ARG A 267 1.30 4.86 -27.70
N GLU A 268 2.27 4.90 -28.62
CA GLU A 268 2.31 3.87 -29.68
C GLU A 268 2.92 2.55 -29.23
N LYS A 269 3.68 2.58 -28.14
CA LYS A 269 4.37 1.39 -27.68
C LYS A 269 3.40 0.39 -27.06
N LYS A 270 3.71 -0.89 -27.26
CA LYS A 270 3.00 -1.94 -26.56
C LYS A 270 3.30 -1.81 -25.04
N PRO A 271 2.36 -2.25 -24.19
CA PRO A 271 2.57 -2.10 -22.75
C PRO A 271 3.89 -2.71 -22.27
N GLN A 272 4.23 -3.92 -22.75
CA GLN A 272 5.46 -4.59 -22.32
C GLN A 272 6.74 -3.83 -22.71
N GLU A 273 6.67 -3.04 -23.77
CA GLU A 273 7.82 -2.23 -24.16
C GLU A 273 8.16 -1.17 -23.12
N LEU A 274 7.14 -0.58 -22.49
CA LEU A 274 7.37 0.38 -21.40
C LEU A 274 7.91 -0.34 -20.16
N ILE A 275 7.30 -1.45 -19.81
CA ILE A 275 7.70 -2.24 -18.65
C ILE A 275 9.16 -2.74 -18.77
N ASP A 276 9.57 -3.17 -19.96
CA ASP A 276 10.92 -3.69 -20.18
C ASP A 276 12.06 -2.72 -19.87
N VAL A 277 11.81 -1.41 -19.95
CA VAL A 277 12.84 -0.41 -19.70
C VAL A 277 12.55 0.48 -18.46
N GLU A 278 11.43 0.23 -17.80
CA GLU A 278 10.96 1.04 -16.67
C GLU A 278 12.03 1.25 -15.56
N TRP A 279 12.79 0.21 -15.25
CA TRP A 279 13.77 0.28 -14.17
C TRP A 279 15.01 1.06 -14.58
N ASN A 280 15.14 1.36 -15.87
CA ASN A 280 16.34 2.10 -16.36
C ASN A 280 16.36 3.58 -16.04
N VAL A 281 15.26 4.13 -15.52
CA VAL A 281 15.14 5.59 -15.39
C VAL A 281 15.47 6.10 -13.99
N LEU A 282 15.72 5.19 -13.06
CA LEU A 282 16.03 5.61 -11.68
C LEU A 282 17.33 6.44 -11.65
N PRO A 283 17.39 7.49 -10.82
CA PRO A 283 18.58 8.32 -10.89
C PRO A 283 19.82 7.70 -10.23
N PHE A 284 19.63 6.81 -9.25
CA PHE A 284 20.73 6.19 -8.51
C PHE A 284 20.62 4.67 -8.50
N ASP A 285 21.76 4.02 -8.24
CA ASP A 285 21.81 2.62 -7.87
C ASP A 285 21.18 2.52 -6.46
N SER A 286 20.06 1.83 -6.34
CA SER A 286 19.26 1.98 -5.14
C SER A 286 18.40 0.76 -4.90
N ILE A 287 18.02 0.55 -3.65
CA ILE A 287 16.93 -0.39 -3.38
C ILE A 287 15.77 0.40 -2.78
N PHE A 288 14.58 -0.15 -2.87
CA PHE A 288 13.39 0.49 -2.29
C PHE A 288 13.12 1.85 -2.96
N ARG A 289 13.40 1.93 -4.26
CA ARG A 289 13.06 3.12 -5.07
C ARG A 289 12.38 2.58 -6.33
N PHE A 290 11.30 3.25 -6.73
CA PHE A 290 10.49 2.80 -7.84
C PHE A 290 10.36 3.98 -8.82
N SER A 291 10.23 3.67 -10.09
CA SER A 291 10.41 4.67 -11.16
C SER A 291 9.27 5.71 -11.25
N PHE A 292 8.05 5.23 -11.42
CA PHE A 292 6.87 6.09 -11.64
C PHE A 292 5.97 6.11 -10.45
N VAL A 293 6.05 7.21 -9.71
CA VAL A 293 5.33 7.32 -8.45
C VAL A 293 4.56 8.65 -8.43
N PRO A 294 3.68 8.85 -7.42
CA PRO A 294 3.02 10.15 -7.29
C PRO A 294 3.97 11.35 -7.38
N VAL A 295 3.45 12.44 -7.94
CA VAL A 295 4.21 13.67 -8.14
C VAL A 295 3.60 14.86 -7.35
N ILE A 296 4.47 15.63 -6.71
CA ILE A 296 4.05 16.75 -5.89
C ILE A 296 3.77 17.89 -6.88
N ASP A 297 2.51 17.99 -7.28
CA ASP A 297 2.14 18.71 -8.50
C ASP A 297 1.49 20.09 -8.31
N GLY A 298 1.19 20.48 -7.08
CA GLY A 298 0.41 21.70 -6.83
C GLY A 298 -1.08 21.57 -7.07
N GLU A 299 -1.57 20.36 -7.33
CA GLU A 299 -2.96 20.13 -7.71
CA GLU A 299 -2.97 20.14 -7.68
C GLU A 299 -3.57 19.03 -6.81
N PHE A 300 -3.19 17.77 -7.07
CA PHE A 300 -3.57 16.70 -6.17
C PHE A 300 -3.01 17.01 -4.76
N PHE A 301 -1.75 17.43 -4.68
CA PHE A 301 -1.12 17.92 -3.43
C PHE A 301 -0.89 19.39 -3.62
N PRO A 302 -1.61 20.25 -2.85
CA PRO A 302 -1.50 21.68 -3.16
C PRO A 302 -0.13 22.28 -2.82
N THR A 303 0.55 21.74 -1.80
CA THR A 303 1.91 22.17 -1.46
C THR A 303 2.74 20.96 -1.00
N SER A 304 3.98 21.18 -0.61
CA SER A 304 4.81 20.04 -0.14
C SER A 304 4.10 19.25 0.96
N LEU A 305 4.38 17.95 0.99
CA LEU A 305 3.75 17.12 2.00
C LEU A 305 4.06 17.65 3.39
N GLU A 306 5.30 18.05 3.62
CA GLU A 306 5.70 18.52 4.95
C GLU A 306 4.95 19.78 5.36
N SER A 307 4.77 20.73 4.46
CA SER A 307 4.04 21.95 4.87
C SER A 307 2.56 21.66 5.15
N MET A 308 1.96 20.75 4.38
CA MET A 308 0.59 20.27 4.66
C MET A 308 0.48 19.62 6.04
N LEU A 309 1.43 18.75 6.38
CA LEU A 309 1.43 18.08 7.69
C LEU A 309 1.60 19.08 8.84
N ASN A 310 2.51 20.02 8.66
CA ASN A 310 2.76 21.08 9.64
C ASN A 310 1.60 22.03 9.87
N SER A 311 0.86 22.37 8.82
CA SER A 311 -0.20 23.35 8.94
C SER A 311 -1.57 22.75 9.23
N GLY A 312 -1.67 21.42 9.24
CA GLY A 312 -2.95 20.75 9.48
C GLY A 312 -3.79 20.74 8.22
N ASN A 313 -3.13 20.86 7.07
CA ASN A 313 -3.84 20.88 5.82
C ASN A 313 -4.10 19.44 5.35
N PHE A 314 -5.07 18.81 6.01
CA PHE A 314 -5.45 17.42 5.74
C PHE A 314 -6.76 17.09 6.45
N LYS A 315 -7.41 15.98 6.02
CA LYS A 315 -8.64 15.51 6.64
C LYS A 315 -8.40 15.13 8.09
N LYS A 316 -9.27 15.61 8.98
CA LYS A 316 -9.13 15.31 10.39
C LYS A 316 -10.17 14.29 10.79
N THR A 317 -9.70 13.11 11.19
CA THR A 317 -10.59 12.01 11.47
C THR A 317 -9.78 11.05 12.35
N GLN A 318 -10.22 9.80 12.47
CA GLN A 318 -9.49 8.81 13.24
C GLN A 318 -8.65 8.00 12.28
N ILE A 319 -7.48 7.57 12.74
CA ILE A 319 -6.61 6.70 11.96
C ILE A 319 -6.08 5.55 12.80
N LEU A 320 -5.90 4.42 12.13
CA LEU A 320 -5.28 3.29 12.72
C LEU A 320 -4.16 2.85 11.78
N LEU A 321 -2.98 2.63 12.33
CA LEU A 321 -1.83 2.39 11.49
C LEU A 321 -0.70 1.70 12.26
N GLY A 322 0.25 1.16 11.50
CA GLY A 322 1.44 0.61 12.11
C GLY A 322 2.34 -0.07 11.11
N VAL A 323 3.28 -0.85 11.64
CA VAL A 323 4.37 -1.42 10.86
C VAL A 323 4.65 -2.85 11.30
N ASN A 324 5.46 -3.55 10.51
CA ASN A 324 5.97 -4.86 10.87
C ASN A 324 7.41 -4.76 11.36
N LYS A 325 7.83 -5.76 12.13
CA LYS A 325 9.14 -5.73 12.73
C LYS A 325 10.28 -5.68 11.72
N ASP A 326 10.18 -6.47 10.64
CA ASP A 326 11.31 -6.57 9.68
C ASP A 326 10.95 -6.10 8.29
N GLU A 327 10.69 -4.80 8.16
CA GLU A 327 10.25 -4.21 6.89
C GLU A 327 11.29 -4.29 5.80
N GLY A 328 12.57 -4.26 6.17
CA GLY A 328 13.61 -4.13 5.16
C GLY A 328 14.05 -5.39 4.43
N SER A 329 13.76 -6.58 4.96
CA SER A 329 14.43 -7.83 4.51
C SER A 329 14.10 -8.20 3.07
N PHE A 330 12.85 -7.97 2.69
CA PHE A 330 12.41 -8.28 1.34
C PHE A 330 13.21 -7.54 0.25
N PHE A 331 13.50 -6.27 0.48
CA PHE A 331 14.15 -5.42 -0.50
C PHE A 331 15.65 -5.66 -0.58
N LEU A 332 16.26 -6.03 0.55
CA LEU A 332 17.66 -6.40 0.58
C LEU A 332 17.90 -7.70 -0.18
N LEU A 333 17.00 -8.66 -0.01
CA LEU A 333 17.08 -9.94 -0.70
C LEU A 333 17.16 -9.71 -2.20
N TYR A 334 16.34 -8.78 -2.70
CA TYR A 334 16.24 -8.53 -4.13
C TYR A 334 17.37 -7.68 -4.69
N GLY A 335 17.93 -6.77 -3.91
CA GLY A 335 18.95 -5.87 -4.45
C GLY A 335 20.34 -5.90 -3.83
N ALA A 336 20.46 -6.14 -2.53
CA ALA A 336 21.72 -5.90 -1.87
C ALA A 336 22.71 -7.09 -2.02
N PRO A 337 24.01 -6.77 -2.24
CA PRO A 337 25.02 -7.85 -2.34
C PRO A 337 25.16 -8.64 -1.03
N GLY A 338 25.31 -9.94 -1.15
CA GLY A 338 25.50 -10.79 0.03
C GLY A 338 24.23 -11.45 0.54
N PHE A 339 23.07 -11.02 0.04
CA PHE A 339 21.77 -11.55 0.49
C PHE A 339 21.26 -12.57 -0.53
N SER A 340 20.84 -13.75 -0.05
CA SER A 340 20.31 -14.83 -0.91
C SER A 340 19.15 -15.46 -0.19
N LYS A 341 18.23 -16.05 -0.96
CA LYS A 341 17.06 -16.68 -0.39
C LYS A 341 17.36 -17.95 0.39
N ASP A 342 18.35 -18.73 -0.08
CA ASP A 342 18.60 -20.05 0.52
C ASP A 342 19.82 -20.11 1.43
N SER A 343 20.42 -18.98 1.77
CA SER A 343 21.43 -18.96 2.82
C SER A 343 20.94 -18.09 3.98
N GLU A 344 21.72 -18.09 5.05
CA GLU A 344 21.47 -17.28 6.24
C GLU A 344 21.80 -15.80 5.98
N SER A 345 22.45 -15.52 4.85
CA SER A 345 22.83 -14.17 4.44
C SER A 345 23.61 -13.38 5.49
N LYS A 346 24.63 -14.00 6.06
CA LYS A 346 25.53 -13.27 6.95
C LYS A 346 26.32 -12.28 6.09
N ILE A 347 26.40 -11.06 6.55
CA ILE A 347 26.86 -9.98 5.71
C ILE A 347 28.26 -9.49 6.15
N SER A 348 29.19 -9.46 5.19
CA SER A 348 30.52 -8.95 5.47
C SER A 348 30.48 -7.42 5.68
N ARG A 349 31.51 -6.90 6.32
CA ARG A 349 31.68 -5.46 6.50
C ARG A 349 31.58 -4.73 5.17
N GLU A 350 32.13 -5.33 4.12
CA GLU A 350 32.14 -4.75 2.78
CA GLU A 350 32.12 -4.69 2.83
C GLU A 350 30.72 -4.68 2.22
N ASP A 351 30.01 -5.80 2.33
CA ASP A 351 28.64 -5.85 1.85
C ASP A 351 27.73 -4.94 2.68
N PHE A 352 28.08 -4.77 3.95
CA PHE A 352 27.36 -3.85 4.81
C PHE A 352 27.46 -2.45 4.26
N MET A 353 28.70 -2.02 4.01
CA MET A 353 29.03 -0.70 3.46
CA MET A 353 28.93 -0.67 3.52
C MET A 353 28.29 -0.45 2.15
N SER A 354 28.29 -1.47 1.29
CA SER A 354 27.60 -1.40 0.02
C SER A 354 26.08 -1.29 0.17
N GLY A 355 25.55 -2.04 1.14
CA GLY A 355 24.13 -2.04 1.50
C GLY A 355 23.67 -0.67 1.93
N VAL A 356 24.48 0.01 2.73
CA VAL A 356 24.15 1.34 3.23
C VAL A 356 24.00 2.33 2.08
N LYS A 357 24.93 2.27 1.12
CA LYS A 357 24.86 3.14 -0.05
CA LYS A 357 24.88 3.13 -0.07
C LYS A 357 23.62 2.89 -0.90
N LEU A 358 23.30 1.61 -1.14
CA LEU A 358 22.06 1.28 -1.84
C LEU A 358 20.81 1.81 -1.11
N SER A 359 20.84 1.74 0.22
CA SER A 359 19.69 2.07 1.08
C SER A 359 19.43 3.54 1.23
N VAL A 360 20.49 4.35 1.21
CA VAL A 360 20.34 5.79 1.32
C VAL A 360 20.97 6.45 0.09
N PRO A 361 20.35 6.27 -1.09
CA PRO A 361 21.02 6.66 -2.34
C PRO A 361 21.31 8.15 -2.44
N HIS A 362 20.52 8.95 -1.73
CA HIS A 362 20.66 10.40 -1.78
C HIS A 362 21.72 11.00 -0.84
N ALA A 363 22.51 10.16 -0.15
CA ALA A 363 23.45 10.64 0.88
C ALA A 363 24.86 10.88 0.37
N ASN A 364 25.46 11.99 0.81
CA ASN A 364 26.90 12.17 0.64
C ASN A 364 27.66 11.22 1.58
N ASP A 365 28.99 11.21 1.48
CA ASP A 365 29.81 10.30 2.28
C ASP A 365 29.66 10.52 3.79
N LEU A 366 29.56 11.78 4.21
CA LEU A 366 29.32 12.08 5.62
C LEU A 366 27.99 11.44 6.09
N GLY A 367 26.95 11.63 5.28
CA GLY A 367 25.66 11.00 5.54
C GLY A 367 25.80 9.50 5.68
N LEU A 368 26.53 8.87 4.75
CA LEU A 368 26.76 7.43 4.78
C LEU A 368 27.50 7.00 6.06
N ASP A 369 28.54 7.74 6.43
CA ASP A 369 29.23 7.55 7.72
C ASP A 369 28.31 7.68 8.92
N ALA A 370 27.41 8.65 8.89
CA ALA A 370 26.45 8.84 9.99
C ALA A 370 25.54 7.61 10.18
N VAL A 371 25.01 7.08 9.08
CA VAL A 371 24.18 5.87 9.12
C VAL A 371 24.95 4.66 9.63
N THR A 372 26.16 4.49 9.11
CA THR A 372 26.98 3.33 9.42
C THR A 372 27.32 3.34 10.90
N LEU A 373 27.74 4.49 11.41
CA LEU A 373 27.99 4.62 12.83
C LEU A 373 26.73 4.33 13.67
N GLN A 374 25.58 4.81 13.23
CA GLN A 374 24.34 4.68 14.02
C GLN A 374 23.93 3.21 14.15
N TYR A 375 24.27 2.40 13.15
CA TYR A 375 23.81 1.01 13.11
C TYR A 375 24.91 -0.06 13.29
N THR A 376 26.13 0.36 13.61
CA THR A 376 27.23 -0.59 13.82
C THR A 376 27.56 -0.76 15.28
N ASP A 377 27.56 -2.01 15.71
CA ASP A 377 28.15 -2.37 16.98
C ASP A 377 29.69 -2.45 16.84
N TRP A 378 30.40 -1.41 17.32
CA TRP A 378 31.87 -1.37 17.21
C TRP A 378 32.66 -2.28 18.12
N MET A 379 32.00 -2.94 19.06
CA MET A 379 32.62 -4.01 19.84
C MET A 379 32.60 -5.34 19.06
N ASP A 380 31.83 -5.39 17.97
CA ASP A 380 31.59 -6.66 17.26
C ASP A 380 31.27 -6.43 15.80
N ASP A 381 32.05 -5.60 15.13
CA ASP A 381 31.74 -5.12 13.77
C ASP A 381 31.82 -6.16 12.63
N ASN A 382 32.38 -7.33 12.90
CA ASN A 382 32.44 -8.39 11.88
C ASN A 382 31.43 -9.51 12.08
N ASN A 383 30.45 -9.28 12.95
CA ASN A 383 29.43 -10.25 13.20
C ASN A 383 28.44 -10.21 12.03
N GLY A 384 28.42 -11.29 11.26
CA GLY A 384 27.62 -11.41 10.04
C GLY A 384 26.12 -11.27 10.27
N ILE A 385 25.63 -11.77 11.40
CA ILE A 385 24.23 -11.70 11.78
C ILE A 385 23.89 -10.25 12.11
N LYS A 386 24.73 -9.61 12.91
CA LYS A 386 24.53 -8.22 13.30
C LYS A 386 24.53 -7.25 12.11
N ASN A 387 25.42 -7.47 11.16
CA ASN A 387 25.50 -6.64 9.97
C ASN A 387 24.24 -6.85 9.10
N ARG A 388 23.79 -8.09 8.97
CA ARG A 388 22.60 -8.43 8.18
C ARG A 388 21.35 -7.81 8.84
N ASP A 389 21.18 -8.02 10.14
CA ASP A 389 20.05 -7.45 10.86
C ASP A 389 20.08 -5.92 10.90
N GLY A 390 21.29 -5.36 11.04
CA GLY A 390 21.53 -3.91 10.97
C GLY A 390 21.04 -3.29 9.67
N LEU A 391 21.40 -3.91 8.55
CA LEU A 391 20.91 -3.49 7.24
C LEU A 391 19.38 -3.58 7.12
N ASP A 392 18.83 -4.68 7.60
CA ASP A 392 17.40 -4.88 7.67
C ASP A 392 16.72 -3.70 8.39
N ASP A 393 17.17 -3.36 9.59
CA ASP A 393 16.74 -2.15 10.29
C ASP A 393 16.97 -0.83 9.53
N ILE A 394 18.13 -0.68 8.89
CA ILE A 394 18.36 0.53 8.12
C ILE A 394 17.25 0.72 7.09
N VAL A 395 16.99 -0.33 6.33
CA VAL A 395 16.06 -0.26 5.23
C VAL A 395 14.63 -0.06 5.73
N GLY A 396 14.22 -0.81 6.77
CA GLY A 396 12.89 -0.68 7.36
C GLY A 396 12.66 0.66 8.04
N ASP A 397 13.62 1.11 8.85
CA ASP A 397 13.56 2.43 9.50
C ASP A 397 13.52 3.59 8.50
N HIS A 398 14.44 3.63 7.55
CA HIS A 398 14.49 4.72 6.58
C HIS A 398 13.22 4.81 5.73
N ASN A 399 12.78 3.67 5.18
CA ASN A 399 11.76 3.63 4.17
C ASN A 399 10.33 3.48 4.71
N VAL A 400 10.15 2.86 5.86
CA VAL A 400 8.78 2.57 6.37
C VAL A 400 8.53 3.12 7.77
N ILE A 401 9.31 2.64 8.73
CA ILE A 401 8.98 2.91 10.11
C ILE A 401 9.13 4.38 10.48
N CYS A 402 10.27 5.00 10.17
CA CYS A 402 10.44 6.39 10.61
C CYS A 402 9.60 7.42 9.84
N PRO A 403 9.37 7.21 8.51
CA PRO A 403 8.39 8.10 7.87
C PRO A 403 6.99 7.97 8.49
N LEU A 404 6.58 6.74 8.81
CA LEU A 404 5.28 6.52 9.41
C LEU A 404 5.22 7.21 10.78
N MET A 405 6.29 7.07 11.58
CA MET A 405 6.37 7.74 12.87
C MET A 405 6.32 9.29 12.77
N HIS A 406 6.97 9.83 11.76
CA HIS A 406 6.86 11.26 11.50
C HIS A 406 5.39 11.64 11.17
N PHE A 407 4.76 10.81 10.34
CA PHE A 407 3.36 11.04 9.98
C PHE A 407 2.44 10.97 11.19
N VAL A 408 2.59 9.95 12.06
CA VAL A 408 1.69 9.79 13.20
CA VAL A 408 1.70 9.79 13.21
C VAL A 408 1.84 10.98 14.14
N ASN A 409 3.08 11.41 14.34
CA ASN A 409 3.32 12.52 15.24
C ASN A 409 2.72 13.81 14.70
N LYS A 410 2.92 14.11 13.40
CA LYS A 410 2.31 15.28 12.80
C LYS A 410 0.76 15.22 12.78
N TYR A 411 0.22 14.03 12.42
CA TYR A 411 -1.21 13.87 12.23
C TYR A 411 -1.92 14.02 13.56
N THR A 412 -1.36 13.42 14.59
CA THR A 412 -1.97 13.35 15.91
C THR A 412 -2.24 14.71 16.56
N LYS A 413 -1.45 15.74 16.21
N LYS A 413 -1.43 15.72 16.24
CA LYS A 413 -1.68 17.10 16.69
CA LYS A 413 -1.68 17.07 16.69
C LYS A 413 -2.97 17.76 16.19
C LYS A 413 -3.11 17.54 16.31
N PHE A 414 -3.50 17.31 15.06
CA PHE A 414 -4.76 17.86 14.52
C PHE A 414 -5.92 16.85 14.41
N GLY A 415 -5.59 15.56 14.39
CA GLY A 415 -6.59 14.52 14.17
C GLY A 415 -7.49 14.20 15.36
N ASN A 416 -8.39 13.24 15.16
CA ASN A 416 -9.45 12.96 16.13
C ASN A 416 -9.29 11.63 16.86
N GLY A 417 -8.15 10.97 16.66
CA GLY A 417 -7.86 9.72 17.35
C GLY A 417 -6.92 8.84 16.55
N THR A 418 -5.80 8.46 17.15
CA THR A 418 -4.77 7.65 16.51
C THR A 418 -4.57 6.34 17.30
N TYR A 419 -4.53 5.22 16.58
CA TYR A 419 -4.16 3.92 17.16
C TYR A 419 -2.98 3.31 16.39
N LEU A 420 -1.88 3.09 17.11
CA LEU A 420 -0.64 2.62 16.53
C LEU A 420 -0.32 1.18 16.94
N TYR A 421 0.07 0.34 15.97
CA TYR A 421 0.49 -1.04 16.25
C TYR A 421 1.91 -1.35 15.73
N PHE A 422 2.46 -2.45 16.22
CA PHE A 422 3.76 -2.95 15.81
C PHE A 422 3.54 -4.45 15.70
N PHE A 423 3.47 -4.93 14.47
CA PHE A 423 3.13 -6.31 14.20
C PHE A 423 4.43 -7.10 14.16
N ASN A 424 4.55 -8.08 15.05
CA ASN A 424 5.81 -8.80 15.19
C ASN A 424 5.61 -10.29 15.40
N HIS A 425 4.59 -10.84 14.75
CA HIS A 425 4.44 -12.28 14.70
C HIS A 425 4.82 -12.82 13.33
N ARG A 426 5.79 -13.72 13.28
CA ARG A 426 6.13 -14.40 12.03
C ARG A 426 5.22 -15.63 11.82
N ALA A 427 4.48 -15.67 10.72
CA ALA A 427 3.64 -16.81 10.39
C ALA A 427 4.42 -18.12 10.41
N SER A 428 3.85 -19.13 11.06
CA SER A 428 4.49 -20.44 11.22
C SER A 428 4.69 -21.15 9.87
N ASN A 429 3.91 -20.79 8.85
CA ASN A 429 3.97 -21.45 7.54
C ASN A 429 4.65 -20.63 6.44
N LEU A 430 5.40 -19.60 6.83
CA LEU A 430 6.13 -18.78 5.84
C LEU A 430 7.15 -19.62 5.08
N VAL A 431 7.23 -19.45 3.78
CA VAL A 431 8.17 -20.24 3.00
C VAL A 431 9.43 -19.45 2.70
N TRP A 432 9.47 -18.19 3.12
CA TRP A 432 10.67 -17.35 3.00
C TRP A 432 11.62 -17.74 4.13
N PRO A 433 12.94 -17.52 3.95
CA PRO A 433 13.89 -17.93 4.99
C PRO A 433 13.67 -17.20 6.32
N GLU A 434 14.18 -17.80 7.40
CA GLU A 434 14.01 -17.25 8.75
CA GLU A 434 14.04 -17.26 8.76
C GLU A 434 14.75 -15.92 8.94
N TRP A 435 15.87 -15.73 8.23
CA TRP A 435 16.63 -14.48 8.41
C TRP A 435 15.75 -13.23 8.11
N MET A 436 14.72 -13.42 7.29
CA MET A 436 13.88 -12.32 6.87
C MET A 436 12.90 -11.88 7.94
N GLY A 437 12.72 -12.70 8.98
CA GLY A 437 11.93 -12.33 10.17
C GLY A 437 10.43 -12.15 9.89
N VAL A 438 9.84 -11.09 10.47
CA VAL A 438 8.45 -10.70 10.23
C VAL A 438 8.40 -9.72 9.04
N ILE A 439 8.18 -10.28 7.88
CA ILE A 439 8.47 -9.66 6.61
C ILE A 439 7.42 -8.62 6.24
N HIS A 440 7.85 -7.53 5.61
CA HIS A 440 6.97 -6.61 4.91
C HIS A 440 5.86 -7.42 4.25
N GLY A 441 4.61 -7.04 4.47
CA GLY A 441 3.48 -7.64 3.77
C GLY A 441 2.80 -8.86 4.40
N TYR A 442 3.39 -9.39 5.48
CA TYR A 442 2.92 -10.65 6.02
C TYR A 442 2.02 -10.47 7.23
N GLU A 443 1.59 -9.21 7.45
CA GLU A 443 0.44 -8.97 8.33
C GLU A 443 -0.85 -9.01 7.49
N ILE A 444 -0.73 -8.79 6.18
CA ILE A 444 -1.92 -8.69 5.34
C ILE A 444 -2.80 -9.94 5.50
N GLU A 445 -2.18 -11.12 5.42
CA GLU A 445 -2.94 -12.37 5.51
C GLU A 445 -3.71 -12.48 6.81
N PHE A 446 -3.21 -11.84 7.88
CA PHE A 446 -3.93 -11.85 9.13
C PHE A 446 -5.12 -10.88 9.12
N VAL A 447 -4.95 -9.74 8.44
CA VAL A 447 -5.99 -8.73 8.34
C VAL A 447 -7.18 -9.28 7.53
N PHE A 448 -6.87 -10.06 6.48
CA PHE A 448 -7.88 -10.68 5.64
C PHE A 448 -8.37 -12.07 6.11
N GLY A 449 -7.88 -12.53 7.27
CA GLY A 449 -8.42 -13.72 7.90
C GLY A 449 -8.11 -15.07 7.28
N LEU A 450 -7.02 -15.17 6.50
CA LEU A 450 -6.59 -16.45 5.90
CA LEU A 450 -6.59 -16.45 5.91
C LEU A 450 -6.31 -17.54 6.95
N PRO A 451 -5.82 -17.17 8.16
CA PRO A 451 -5.59 -18.20 9.18
C PRO A 451 -6.85 -18.96 9.67
N LEU A 452 -8.03 -18.55 9.21
CA LEU A 452 -9.27 -19.20 9.61
C LEU A 452 -9.55 -20.37 8.69
N VAL A 453 -8.80 -20.44 7.58
CA VAL A 453 -8.91 -21.51 6.61
C VAL A 453 -7.96 -22.66 6.99
N LYS A 454 -8.55 -23.73 7.53
CA LYS A 454 -7.75 -24.83 8.09
CA LYS A 454 -7.85 -24.93 8.04
C LYS A 454 -6.75 -25.45 7.11
N GLU A 455 -7.11 -25.59 5.85
CA GLU A 455 -6.21 -26.17 4.84
C GLU A 455 -4.93 -25.35 4.61
N LEU A 456 -4.93 -24.10 5.04
CA LEU A 456 -3.75 -23.25 4.86
C LEU A 456 -2.70 -23.47 5.96
N ASN A 457 -3.04 -24.27 6.96
CA ASN A 457 -2.07 -24.82 7.92
C ASN A 457 -1.46 -23.81 8.87
N TYR A 458 -2.25 -22.87 9.39
CA TYR A 458 -1.77 -21.96 10.43
C TYR A 458 -2.04 -22.64 11.76
N THR A 459 -1.52 -22.09 12.84
CA THR A 459 -1.80 -22.66 14.14
C THR A 459 -3.12 -22.08 14.67
N ALA A 460 -3.66 -22.72 15.71
CA ALA A 460 -4.80 -22.22 16.46
C ALA A 460 -4.57 -20.82 17.01
N GLU A 461 -3.36 -20.57 17.49
CA GLU A 461 -3.01 -19.25 18.05
C GLU A 461 -3.00 -18.13 16.98
N GLU A 462 -2.66 -18.53 15.75
CA GLU A 462 -2.64 -17.64 14.59
C GLU A 462 -4.05 -17.37 14.08
N GLU A 463 -4.96 -18.34 14.21
CA GLU A 463 -6.37 -18.08 13.92
C GLU A 463 -6.90 -17.06 14.93
N ALA A 464 -6.54 -17.24 16.19
CA ALA A 464 -6.97 -16.31 17.22
C ALA A 464 -6.45 -14.88 16.99
N LEU A 465 -5.21 -14.77 16.53
CA LEU A 465 -4.60 -13.46 16.26
C LEU A 465 -5.31 -12.80 15.07
N SER A 466 -5.52 -13.58 14.02
CA SER A 466 -6.28 -13.11 12.87
C SER A 466 -7.66 -12.58 13.28
N ARG A 467 -8.39 -13.34 14.11
CA ARG A 467 -9.75 -12.94 14.55
C ARG A 467 -9.70 -11.65 15.31
N ARG A 468 -8.71 -11.52 16.20
CA ARG A 468 -8.55 -10.29 16.96
CA ARG A 468 -8.47 -10.30 16.96
C ARG A 468 -8.20 -9.10 16.05
N ILE A 469 -7.31 -9.30 15.08
CA ILE A 469 -6.93 -8.23 14.15
C ILE A 469 -8.13 -7.81 13.28
N MET A 470 -8.82 -8.77 12.68
CA MET A 470 -10.01 -8.46 11.90
C MET A 470 -11.04 -7.67 12.70
N HIS A 471 -11.19 -8.04 13.97
CA HIS A 471 -12.19 -7.39 14.79
C HIS A 471 -11.74 -6.00 15.25
N TYR A 472 -10.45 -5.83 15.53
CA TYR A 472 -9.87 -4.47 15.70
C TYR A 472 -10.13 -3.58 14.48
N TRP A 473 -9.76 -4.07 13.30
CA TRP A 473 -9.91 -3.29 12.05
C TRP A 473 -11.38 -2.90 11.82
N ALA A 474 -12.28 -3.87 11.95
CA ALA A 474 -13.70 -3.65 11.61
C ALA A 474 -14.39 -2.81 12.65
N THR A 475 -14.09 -3.03 13.91
CA THR A 475 -14.61 -2.19 14.98
C THR A 475 -14.10 -0.75 14.86
N PHE A 476 -12.83 -0.61 14.45
CA PHE A 476 -12.30 0.72 14.23
C PHE A 476 -13.07 1.35 13.08
N ALA A 477 -13.33 0.55 12.03
CA ALA A 477 -14.00 1.06 10.87
C ALA A 477 -15.41 1.55 11.23
N LYS A 478 -16.10 0.76 12.06
CA LYS A 478 -17.48 1.03 12.48
CA LYS A 478 -17.48 1.06 12.46
C LYS A 478 -17.57 2.28 13.37
N THR A 479 -16.64 2.41 14.31
CA THR A 479 -16.82 3.36 15.41
C THR A 479 -15.68 4.39 15.61
N GLY A 480 -14.52 4.13 15.00
CA GLY A 480 -13.36 5.03 15.14
C GLY A 480 -12.49 4.64 16.32
N ASN A 481 -12.78 3.46 16.86
CA ASN A 481 -12.10 2.91 18.04
C ASN A 481 -12.03 1.39 17.85
N PRO A 482 -10.81 0.79 17.83
CA PRO A 482 -10.74 -0.68 17.65
C PRO A 482 -11.28 -1.50 18.84
N ASN A 483 -11.45 -0.85 20.00
CA ASN A 483 -11.93 -1.51 21.21
C ASN A 483 -13.46 -1.60 21.27
N GLU A 484 -13.95 -2.77 21.66
CA GLU A 484 -15.37 -2.95 21.99
C GLU A 484 -15.71 -2.13 23.23
N PRO A 485 -16.80 -1.33 23.16
CA PRO A 485 -17.23 -0.63 24.38
C PRO A 485 -17.60 -1.66 25.43
N HIS A 486 -17.31 -1.35 26.70
CA HIS A 486 -17.69 -2.21 27.82
C HIS A 486 -17.34 -3.68 27.49
N SER A 487 -16.06 -3.91 27.21
CA SER A 487 -15.52 -5.25 26.97
C SER A 487 -14.52 -5.61 28.07
N GLN A 488 -14.20 -6.90 28.18
CA GLN A 488 -13.31 -7.38 29.25
C GLN A 488 -11.85 -7.63 28.81
N GLU A 489 -11.59 -7.56 27.50
CA GLU A 489 -10.20 -7.70 27.00
C GLU A 489 -9.34 -6.45 27.22
N SER A 490 -8.03 -6.59 27.06
CA SER A 490 -7.08 -5.49 27.21
C SER A 490 -7.34 -4.41 26.17
N LYS A 491 -7.23 -3.15 26.60
CA LYS A 491 -7.55 -2.02 25.76
C LYS A 491 -6.32 -1.54 24.97
N TRP A 492 -6.48 -1.43 23.64
CA TRP A 492 -5.53 -0.76 22.76
C TRP A 492 -5.68 0.75 23.02
N PRO A 493 -4.67 1.37 23.69
CA PRO A 493 -4.84 2.77 24.07
C PRO A 493 -4.64 3.72 22.90
N LEU A 494 -5.21 4.91 23.02
CA LEU A 494 -5.02 5.98 22.06
C LEU A 494 -3.54 6.38 22.04
N PHE A 495 -3.01 6.64 20.84
CA PHE A 495 -1.69 7.23 20.69
C PHE A 495 -1.90 8.72 20.90
N THR A 496 -1.16 9.30 21.83
CA THR A 496 -1.26 10.75 22.08
C THR A 496 0.12 11.36 21.91
N THR A 497 0.13 12.66 21.61
CA THR A 497 1.34 13.47 21.47
C THR A 497 2.25 13.30 22.68
N LYS A 498 1.67 13.30 23.87
CA LYS A 498 2.47 13.25 25.08
C LYS A 498 3.01 11.85 25.39
N GLU A 499 2.15 10.85 25.38
CA GLU A 499 2.53 9.54 25.87
C GLU A 499 2.94 8.56 24.77
N GLN A 500 2.45 8.77 23.55
CA GLN A 500 2.95 8.06 22.36
C GLN A 500 2.87 6.53 22.45
N LYS A 501 1.72 6.05 22.93
CA LYS A 501 1.52 4.64 23.19
C LYS A 501 1.19 3.81 21.94
N PHE A 502 1.67 2.58 21.96
CA PHE A 502 1.30 1.63 20.93
C PHE A 502 1.24 0.23 21.53
N ILE A 503 0.74 -0.71 20.76
CA ILE A 503 0.71 -2.08 21.17
C ILE A 503 1.45 -2.94 20.18
N ASP A 504 1.98 -4.07 20.66
CA ASP A 504 2.47 -5.13 19.78
CA ASP A 504 2.45 -5.08 19.74
C ASP A 504 1.26 -5.93 19.28
N LEU A 505 1.34 -6.46 18.06
CA LEU A 505 0.35 -7.40 17.56
C LEU A 505 1.07 -8.71 17.33
N ASN A 506 0.73 -9.72 18.14
CA ASN A 506 1.32 -11.04 18.04
C ASN A 506 0.49 -12.01 18.88
N THR A 507 1.00 -13.22 19.10
CA THR A 507 0.17 -14.26 19.74
C THR A 507 0.22 -14.25 21.27
N GLU A 508 1.06 -13.38 21.83
CA GLU A 508 1.22 -13.25 23.28
CA GLU A 508 1.21 -13.26 23.29
C GLU A 508 0.16 -12.28 23.82
N PRO A 509 -0.01 -12.23 25.16
CA PRO A 509 -0.93 -11.22 25.71
C PRO A 509 -0.47 -9.79 25.37
N MET A 510 -1.42 -8.95 24.96
CA MET A 510 -1.13 -7.59 24.52
C MET A 510 -0.20 -6.87 25.49
N LYS A 511 0.88 -6.30 24.96
CA LYS A 511 1.72 -5.40 25.71
C LYS A 511 1.65 -4.00 25.11
N VAL A 512 1.65 -3.01 25.98
CA VAL A 512 1.65 -1.62 25.59
C VAL A 512 3.07 -1.08 25.76
N HIS A 513 3.53 -0.37 24.74
CA HIS A 513 4.84 0.30 24.77
C HIS A 513 4.67 1.77 24.41
N GLN A 514 5.77 2.53 24.47
CA GLN A 514 5.77 3.94 24.11
C GLN A 514 6.95 4.26 23.21
N ARG A 515 6.81 5.31 22.40
CA ARG A 515 7.87 5.87 21.58
C ARG A 515 8.56 4.85 20.67
N LEU A 516 7.76 4.31 19.75
CA LEU A 516 8.18 3.30 18.79
CA LEU A 516 8.18 3.30 18.78
C LEU A 516 9.45 3.74 18.06
N ARG A 517 10.53 2.97 18.27
CA ARG A 517 11.83 3.18 17.61
C ARG A 517 12.30 4.63 17.59
N VAL A 518 12.08 5.32 18.70
CA VAL A 518 12.33 6.74 18.78
C VAL A 518 13.82 7.11 18.57
N GLN A 519 14.73 6.30 19.10
CA GLN A 519 16.16 6.60 18.96
C GLN A 519 16.53 6.67 17.47
N MET A 520 16.23 5.60 16.75
CA MET A 520 16.47 5.56 15.33
C MET A 520 15.66 6.59 14.53
N CYS A 521 14.40 6.84 14.91
CA CYS A 521 13.59 7.80 14.15
C CYS A 521 14.00 9.25 14.37
N VAL A 522 14.54 9.58 15.55
CA VAL A 522 15.17 10.90 15.72
C VAL A 522 16.34 11.04 14.74
N PHE A 523 17.14 9.98 14.60
CA PHE A 523 18.21 10.01 13.61
C PHE A 523 17.68 10.26 12.17
N TRP A 524 16.73 9.45 11.72
CA TRP A 524 16.21 9.55 10.34
C TRP A 524 15.38 10.80 10.09
N ASN A 525 14.67 11.28 11.10
CA ASN A 525 13.67 12.35 10.91
C ASN A 525 14.21 13.75 11.26
N GLN A 526 15.16 13.82 12.18
CA GLN A 526 15.70 15.10 12.66
CA GLN A 526 15.69 15.10 12.62
C GLN A 526 17.16 15.25 12.22
N PHE A 527 18.02 14.35 12.69
CA PHE A 527 19.47 14.56 12.47
C PHE A 527 19.99 14.41 11.04
N LEU A 528 19.71 13.27 10.40
CA LEU A 528 20.24 13.03 9.06
C LEU A 528 19.80 14.10 8.02
N PRO A 529 18.49 14.43 7.96
CA PRO A 529 18.12 15.53 7.04
C PRO A 529 18.87 16.82 7.31
N LYS A 530 18.99 17.20 8.58
CA LYS A 530 19.80 18.36 8.93
C LYS A 530 21.26 18.21 8.49
N LEU A 531 21.84 17.02 8.67
CA LEU A 531 23.18 16.76 8.15
C LEU A 531 23.27 16.92 6.62
N LEU A 532 22.32 16.32 5.89
CA LEU A 532 22.37 16.38 4.42
C LEU A 532 22.19 17.80 3.85
N ASN A 533 21.35 18.61 4.49
CA ASN A 533 21.13 20.01 4.12
C ASN A 533 22.37 20.90 4.33
N ALA A 534 23.12 20.64 5.39
CA ALA A 534 24.24 21.51 5.78
C ALA A 534 25.47 21.19 4.97
N THR A 535 25.55 19.97 4.44
CA THR A 535 26.74 19.49 3.69
C THR A 535 26.46 19.38 2.19
C1 NAG B . -21.42 -14.88 -16.25
C2 NAG B . -22.43 -15.74 -17.04
C3 NAG B . -22.29 -17.25 -16.82
C4 NAG B . -20.84 -17.71 -16.64
C5 NAG B . -19.99 -16.70 -15.87
C6 NAG B . -18.52 -17.10 -15.88
C7 NAG B . -24.62 -14.82 -17.65
C8 NAG B . -24.10 -14.58 -19.06
N2 NAG B . -23.80 -15.36 -16.74
O3 NAG B . -22.84 -17.96 -17.91
O4 NAG B . -20.86 -18.99 -16.00
O5 NAG B . -20.13 -15.40 -16.42
O6 NAG B . -17.97 -16.82 -17.15
O7 NAG B . -25.79 -14.53 -17.38
C1 FUC B . -16.84 -17.01 -17.81
C2 FUC B . -17.08 -17.47 -19.26
C3 FUC B . -17.53 -16.26 -20.09
C4 FUC B . -16.54 -15.10 -19.95
C5 FUC B . -16.18 -14.82 -18.47
C6 FUC B . -15.06 -13.79 -18.31
O2 FUC B . -18.03 -18.51 -19.29
O3 FUC B . -17.69 -16.62 -21.45
O4 FUC B . -15.37 -15.36 -20.72
O5 FUC B . -15.80 -16.03 -17.82
C1 NAG C . -12.98 13.85 18.51
C2 NAG C . -12.36 14.05 19.91
C3 NAG C . -13.40 14.30 21.01
C4 NAG C . -14.45 15.34 20.54
C5 NAG C . -15.01 14.94 19.17
C6 NAG C . -16.13 15.87 18.67
C7 NAG C . -10.18 12.97 20.19
C8 NAG C . -9.44 11.74 20.66
N2 NAG C . -11.51 12.94 20.31
O3 NAG C . -12.71 14.69 22.19
O4 NAG C . -15.50 15.53 21.49
O5 NAG C . -13.95 14.85 18.21
O6 NAG C . -15.62 17.08 18.17
O7 NAG C . -9.55 13.94 19.74
P1 GB D . 5.18 -1.54 -1.02
O1 GB D . 5.58 -2.96 -0.90
O2 GB D . 4.11 -1.17 -2.04
C1 GB D . 6.68 -0.54 -1.26
O1 FP1 E . 6.40 -8.53 1.37
N2 FP1 E . 6.38 -8.57 0.00
C6 FP1 E . 5.56 -7.94 -0.58
C5 FP1 E . 4.72 -7.28 -1.19
C4 FP1 E . 3.81 -6.53 -0.47
C3 FP1 E . 2.85 -5.77 -1.15
C2 FP1 E . 2.82 -5.78 -2.55
C1 FP1 E . 3.74 -6.54 -3.27
N1 FP1 E . 4.71 -7.30 -2.59
C7 FP1 E . 5.71 -8.10 -3.36
O1 MES F . -29.97 4.39 -9.88
C2 MES F . -30.04 3.43 -8.79
C3 MES F . -31.49 3.05 -8.54
N4 MES F . -32.28 3.85 -9.49
C5 MES F . -32.08 5.31 -9.37
C6 MES F . -30.62 5.63 -9.57
C7 MES F . -33.70 3.49 -9.56
C8 MES F . -34.26 3.39 -8.16
S MES F . -35.93 2.67 -8.18
O1S MES F . -35.82 1.18 -8.39
O2S MES F . -36.69 3.27 -9.33
O3S MES F . -36.61 2.99 -6.88
O1 MES G . -12.88 -24.85 7.79
C2 MES G . -13.86 -25.22 6.76
C3 MES G . -14.24 -24.11 5.77
N4 MES G . -13.05 -23.47 5.10
C5 MES G . -11.77 -23.76 5.81
C6 MES G . -11.94 -23.81 7.35
C7 MES G . -13.01 -23.91 3.69
C8 MES G . -12.27 -22.93 2.75
S MES G . -13.14 -21.36 2.33
O1S MES G . -14.43 -21.61 1.60
O2S MES G . -12.26 -20.56 1.44
O3S MES G . -13.43 -20.65 3.60
O1 MES H . 8.25 13.63 21.57
C2 MES H . 9.61 13.10 21.63
C3 MES H . 10.01 12.19 20.45
N4 MES H . 8.85 11.99 19.54
C5 MES H . 8.22 13.25 19.09
C6 MES H . 7.90 14.20 20.28
C7 MES H . 9.17 11.04 18.44
C8 MES H . 9.50 11.73 17.10
S MES H . 9.68 10.58 15.66
O1S MES H . 11.04 10.76 15.06
O2S MES H . 8.66 10.90 14.63
O3S MES H . 9.47 9.17 16.15
O1 MES I . -0.54 -20.37 3.22
C2 MES I . 0.86 -20.53 3.48
C3 MES I . 1.64 -20.38 2.16
N4 MES I . 1.36 -19.07 1.55
C5 MES I . -0.10 -18.88 1.34
C6 MES I . -0.83 -19.05 2.68
C7 MES I . 2.07 -18.89 0.26
C8 MES I . 3.61 -18.83 0.45
S MES I . 4.19 -17.57 1.65
O1S MES I . 3.35 -17.61 2.90
O2S MES I . 4.13 -16.23 0.98
O3S MES I . 5.59 -17.87 2.10
O1 PG4 J . 14.09 -6.84 -14.40
C1 PG4 J . 14.59 -5.56 -14.88
C2 PG4 J . 15.34 -4.79 -13.75
O2 PG4 J . 15.24 -5.45 -12.45
C3 PG4 J . 15.51 -4.64 -11.27
C4 PG4 J . 14.19 -4.22 -10.62
O3 PG4 J . 13.59 -5.18 -9.79
C5 PG4 J . 13.76 -4.71 -8.46
C6 PG4 J . 13.05 -5.65 -7.50
O4 PG4 J . 11.82 -5.11 -6.98
C7 PG4 J . 12.04 -4.32 -5.79
C8 PG4 J . 11.86 -5.16 -4.52
O5 PG4 J . 10.98 -6.26 -4.81
O1 PG4 K . -33.00 -7.84 -6.65
C1 PG4 K . -32.83 -6.89 -5.59
C2 PG4 K . -32.41 -5.55 -6.20
O2 PG4 K . -31.57 -4.72 -5.37
C3 PG4 K . -31.37 -3.48 -6.14
C4 PG4 K . -30.47 -2.42 -5.47
O3 PG4 K . -31.06 -1.81 -4.28
C5 PG4 K . -30.36 -2.32 -3.14
C6 PG4 K . -31.20 -2.43 -1.90
O4 PG4 K . -30.33 -2.32 -0.77
C7 PG4 K . -31.07 -2.32 0.46
C8 PG4 K . -30.17 -2.99 1.48
O5 PG4 K . -30.41 -4.41 1.53
O1 PG4 L . -37.51 -2.93 -8.43
C1 PG4 L . -36.33 -2.31 -7.89
C2 PG4 L . -35.51 -3.31 -7.06
O2 PG4 L . -34.95 -2.76 -5.85
C3 PG4 L . -35.06 -3.70 -4.74
C4 PG4 L . -33.96 -3.42 -3.73
O3 PG4 L . -34.21 -3.94 -2.43
C5 PG4 L . -33.52 -5.16 -2.21
C6 PG4 L . -33.24 -5.42 -0.74
O4 PG4 L . -33.50 -6.82 -0.44
C7 PG4 L . -32.44 -7.74 -0.89
C8 PG4 L . -32.77 -8.42 -2.24
O5 PG4 L . -33.28 -9.74 -2.03
O1 PG4 M . -6.81 17.60 17.76
C1 PG4 M . -6.94 18.93 18.25
C2 PG4 M . -7.74 18.95 19.55
O2 PG4 M . -8.62 17.81 19.64
C3 PG4 M . -8.38 17.13 20.87
C4 PG4 M . -9.52 17.30 21.88
O3 PG4 M . -9.60 16.18 22.79
C5 PG4 M . -8.78 16.36 23.97
C6 PG4 M . -8.64 15.03 24.70
O4 PG4 M . -9.91 14.34 24.74
C7 PG4 M . -10.01 13.56 25.96
C8 PG4 M . -9.99 12.06 25.67
O5 PG4 M . -10.59 11.80 24.39
C1 PGE N . 15.37 -14.96 15.57
O1 PGE N . 16.33 -14.76 16.62
C2 PGE N . 15.19 -13.69 14.70
O2 PGE N . 16.00 -13.68 13.49
C3 PGE N . 15.21 -13.34 12.36
C4 PGE N . 15.63 -12.01 11.80
O4 PGE N . 16.48 -7.44 13.02
C6 PGE N . 16.21 -8.78 13.49
C5 PGE N . 15.87 -9.74 12.33
O3 PGE N . 15.50 -11.04 12.83
C1 PGE O . 6.37 22.32 -3.76
O1 PGE O . 7.67 22.88 -3.61
C2 PGE O . 5.94 22.48 -5.21
O2 PGE O . 4.53 22.31 -5.39
C3 PGE O . 4.13 22.84 -6.67
C4 PGE O . 4.65 22.05 -7.87
O4 PGE O . 8.31 21.89 -7.53
C6 PGE O . 7.57 21.99 -8.76
C5 PGE O . 6.62 23.21 -8.75
O3 PGE O . 5.18 22.93 -8.90
C1 PGE P . -10.57 -18.80 -4.21
O1 PGE P . -9.81 -18.84 -3.00
C2 PGE P . -10.32 -17.45 -4.92
O2 PGE P . -11.56 -16.74 -5.15
C3 PGE P . -11.80 -16.54 -6.56
C4 PGE P . -13.08 -15.73 -6.75
O4 PGE P . -14.58 -14.45 -2.76
C6 PGE P . -13.78 -14.56 -3.93
C5 PGE P . -14.62 -15.03 -5.10
O3 PGE P . -14.04 -16.16 -5.75
C1 PEG Q . -28.35 3.66 -15.28
O1 PEG Q . -29.31 3.71 -14.22
C2 PEG Q . -28.82 2.74 -16.39
O2 PEG Q . -28.39 3.28 -17.63
C3 PEG Q . -29.15 2.71 -18.73
C4 PEG Q . -28.97 3.59 -19.98
O4 PEG Q . -30.22 4.22 -20.31
C1 PEG R . 25.64 -0.72 19.67
O1 PEG R . 25.32 0.18 20.74
C2 PEG R . 25.56 0.04 18.34
O2 PEG R . 24.21 0.13 17.87
C3 PEG R . 23.87 -0.97 17.00
C4 PEG R . 22.79 -1.86 17.63
O4 PEG R . 21.50 -1.29 17.42
C1 PEG S . -35.32 -6.43 -12.95
O1 PEG S . -34.49 -5.99 -11.87
C2 PEG S . -34.79 -7.77 -13.49
O2 PEG S . -33.54 -7.55 -14.20
C3 PEG S . -33.70 -7.82 -15.62
C4 PEG S . -33.39 -6.55 -16.42
O4 PEG S . -32.66 -6.89 -17.59
C1 PEG T . -7.63 22.67 2.50
O1 PEG T . -7.23 23.72 1.64
C2 PEG T . -8.04 23.24 3.88
O2 PEG T . -7.95 22.23 4.91
C3 PEG T . -8.14 22.96 6.12
C4 PEG T . -7.78 22.03 7.26
O4 PEG T . -8.65 20.90 7.21
C1 PEG U . -20.10 -7.47 -19.18
O1 PEG U . -21.25 -8.22 -18.73
C2 PEG U . -18.84 -8.36 -19.22
O2 PEG U . -18.63 -9.05 -17.96
C3 PEG U . -17.53 -10.01 -17.99
C4 PEG U . -18.05 -11.47 -18.04
O4 PEG U . -17.99 -12.08 -16.74
#